data_1FO8
#
_entry.id   1FO8
#
_cell.length_a   40.382
_cell.length_b   82.378
_cell.length_c   102.487
_cell.angle_alpha   90.00
_cell.angle_beta   90.00
_cell.angle_gamma   90.00
#
_symmetry.space_group_name_H-M   'P 21 21 21'
#
loop_
_entity.id
_entity.type
_entity.pdbx_description
1 polymer 'ALPHA-1,3-MANNOSYL-GLYCOPROTEIN BETA-1,2-N-ACETYLGLUCOSAMINYLTRANSFERASE'
2 non-polymer 'METHYL MERCURY ION'
3 water water
#
_entity_poly.entity_id   1
_entity_poly.type   'polypeptide(L)'
_entity_poly.pdbx_seq_one_letter_code
;LAVIPILVIACDRSTVRRCLDKLLHYRPSAELFPIIVSQDCGHEETAQVIASYGSAVTHIRQPDLSNIAVQPDHRKFQGY
YKIARHYRWALGQIFHNFNYPAAVVVEDDLEVAPDFFEYFQATYPLLKADPSLWCVSAWNDNGKEQMVDSSKPELLYRTD
FFPGLGWLLLAELWAELEPKWPKAFWDDWMRRPEQRKGRACVRPEISRTMTFGRKGVSHGQFFDQHLKFIKLNQQFVPFT
QLDLSYLQQEAYDRDFLARVYGAPQLQVEKVRTNDRKELGEVRVQYTGRDSFKAFAKALGVMDDLKSGVPRAGYRGIVTF
LFRGRRVHLAPPQTWDGYDPSWT
;
_entity_poly.pdbx_strand_id   A
#
loop_
_chem_comp.id
_chem_comp.type
_chem_comp.name
_chem_comp.formula
MMC non-polymer 'METHYL MERCURY ION' 'C H3 Hg 1'
#
# COMPACT_ATOMS: atom_id res chain seq x y z
N LEU A 1 -19.19 -6.22 12.22
CA LEU A 1 -17.71 -6.32 12.36
C LEU A 1 -17.22 -7.69 11.93
N ALA A 2 -16.08 -7.72 11.24
CA ALA A 2 -15.51 -8.97 10.74
C ALA A 2 -14.13 -9.27 11.30
N VAL A 3 -13.81 -10.56 11.36
CA VAL A 3 -12.49 -10.99 11.83
C VAL A 3 -11.50 -10.84 10.66
N ILE A 4 -10.42 -10.11 10.92
CA ILE A 4 -9.39 -9.88 9.90
C ILE A 4 -8.02 -10.09 10.56
N PRO A 5 -7.29 -11.17 10.18
CA PRO A 5 -5.98 -11.39 10.79
C PRO A 5 -4.93 -10.40 10.29
N ILE A 6 -3.93 -10.16 11.13
CA ILE A 6 -2.80 -9.34 10.74
C ILE A 6 -1.67 -10.36 10.60
N LEU A 7 -1.07 -10.43 9.41
CA LEU A 7 0.04 -11.34 9.19
C LEU A 7 1.31 -10.50 9.20
N VAL A 8 2.16 -10.74 10.19
CA VAL A 8 3.42 -9.99 10.32
C VAL A 8 4.57 -10.84 9.75
N ILE A 9 5.30 -10.29 8.78
CA ILE A 9 6.42 -10.97 8.13
C ILE A 9 7.69 -10.57 8.85
N ALA A 10 8.31 -11.52 9.54
CA ALA A 10 9.53 -11.25 10.34
C ALA A 10 10.66 -12.18 9.94
N CYS A 11 11.87 -11.84 10.42
CA CYS A 11 13.05 -12.66 10.08
C CYS A 11 14.18 -12.52 11.09
N ASP A 12 15.04 -11.52 10.91
CA ASP A 12 16.19 -11.40 11.80
C ASP A 12 16.44 -10.04 12.45
N ARG A 13 15.36 -9.28 12.67
CA ARG A 13 15.46 -7.98 13.32
C ARG A 13 14.69 -8.02 14.63
N SER A 14 15.40 -7.81 15.73
CA SER A 14 14.78 -7.83 17.06
C SER A 14 13.77 -6.73 17.22
N THR A 15 13.87 -5.70 16.37
CA THR A 15 12.94 -4.58 16.41
C THR A 15 11.51 -4.93 15.93
N VAL A 16 11.24 -6.22 15.68
CA VAL A 16 9.86 -6.65 15.36
C VAL A 16 9.09 -6.31 16.67
N ARG A 17 9.81 -6.14 17.77
CA ARG A 17 9.22 -5.74 19.05
C ARG A 17 8.43 -4.43 18.90
N ARG A 18 9.01 -3.46 18.20
CA ARG A 18 8.32 -2.17 18.04
C ARG A 18 7.05 -2.33 17.21
N CYS A 19 7.14 -3.14 16.16
N CYS A 19 7.13 -3.14 16.16
CA CYS A 19 6.01 -3.41 15.26
CA CYS A 19 5.97 -3.37 15.31
C CYS A 19 4.88 -4.05 16.09
C CYS A 19 4.86 -4.03 16.11
N LEU A 20 5.20 -5.10 16.83
CA LEU A 20 4.21 -5.80 17.65
C LEU A 20 3.66 -4.96 18.79
N ASP A 21 4.51 -4.17 19.42
CA ASP A 21 4.04 -3.35 20.53
C ASP A 21 2.97 -2.37 20.06
N LYS A 22 3.19 -1.73 18.91
CA LYS A 22 2.21 -0.78 18.40
C LYS A 22 0.93 -1.47 17.93
N LEU A 23 1.06 -2.60 17.22
CA LEU A 23 -0.12 -3.33 16.79
C LEU A 23 -0.96 -3.73 18.02
N LEU A 24 -0.31 -4.25 19.06
CA LEU A 24 -1.03 -4.72 20.24
C LEU A 24 -1.64 -3.59 21.05
N HIS A 25 -0.94 -2.46 21.08
CA HIS A 25 -1.45 -1.30 21.81
C HIS A 25 -2.74 -0.76 21.18
N TYR A 26 -2.76 -0.70 19.85
CA TYR A 26 -3.93 -0.15 19.17
C TYR A 26 -5.03 -1.15 18.79
N ARG A 27 -4.72 -2.44 18.86
CA ARG A 27 -5.70 -3.45 18.47
C ARG A 27 -6.95 -3.30 19.33
N PRO A 28 -8.12 -3.21 18.70
CA PRO A 28 -9.34 -3.04 19.52
C PRO A 28 -9.86 -4.32 20.16
N SER A 29 -9.54 -5.44 19.53
CA SER A 29 -10.01 -6.73 19.96
C SER A 29 -9.08 -7.84 19.46
N ALA A 30 -8.70 -8.77 20.33
CA ALA A 30 -7.85 -9.88 19.93
C ALA A 30 -8.66 -10.82 19.05
N GLU A 31 -9.96 -10.91 19.31
CA GLU A 31 -10.82 -11.78 18.54
C GLU A 31 -11.03 -11.27 17.12
N LEU A 32 -11.21 -9.96 16.97
CA LEU A 32 -11.43 -9.38 15.65
C LEU A 32 -10.16 -9.28 14.82
N PHE A 33 -9.03 -9.10 15.47
CA PHE A 33 -7.76 -8.97 14.77
C PHE A 33 -6.65 -9.88 15.29
N PRO A 34 -6.77 -11.20 15.08
CA PRO A 34 -5.73 -12.12 15.54
C PRO A 34 -4.44 -11.75 14.82
N ILE A 35 -3.32 -11.83 15.52
CA ILE A 35 -2.03 -11.49 14.93
C ILE A 35 -1.22 -12.76 14.76
N ILE A 36 -0.75 -13.00 13.55
CA ILE A 36 0.04 -14.19 13.25
C ILE A 36 1.39 -13.67 12.80
N VAL A 37 2.44 -14.04 13.52
CA VAL A 37 3.79 -13.61 13.19
C VAL A 37 4.53 -14.78 12.52
N SER A 38 4.78 -14.65 11.22
CA SER A 38 5.51 -15.66 10.45
C SER A 38 6.95 -15.24 10.44
N GLN A 39 7.81 -16.05 11.05
CA GLN A 39 9.23 -15.76 11.12
C GLN A 39 10.05 -16.67 10.22
N ASP A 40 10.83 -16.07 9.32
CA ASP A 40 11.70 -16.83 8.44
C ASP A 40 13.10 -16.66 9.04
N CYS A 41 14.10 -17.33 8.46
CA CYS A 41 15.50 -17.17 8.88
C CYS A 41 16.06 -17.88 10.10
N GLY A 42 15.20 -18.25 11.04
CA GLY A 42 15.70 -18.94 12.23
C GLY A 42 16.62 -18.11 13.12
N HIS A 43 16.45 -16.79 13.12
CA HIS A 43 17.25 -15.90 13.97
C HIS A 43 16.77 -16.12 15.41
N GLU A 44 17.62 -16.73 16.23
CA GLU A 44 17.28 -17.05 17.61
C GLU A 44 16.79 -15.92 18.49
N GLU A 45 17.48 -14.77 18.48
CA GLU A 45 17.06 -13.65 19.33
C GLU A 45 15.67 -13.15 18.93
N THR A 46 15.42 -13.09 17.63
CA THR A 46 14.12 -12.64 17.15
C THR A 46 13.05 -13.64 17.57
N ALA A 47 13.34 -14.94 17.50
CA ALA A 47 12.38 -15.95 17.90
C ALA A 47 12.04 -15.82 19.38
N GLN A 48 13.06 -15.55 20.19
CA GLN A 48 12.83 -15.39 21.63
C GLN A 48 11.96 -14.16 21.91
N VAL A 49 12.20 -13.09 21.17
CA VAL A 49 11.40 -11.88 21.34
C VAL A 49 9.93 -12.19 21.00
N ILE A 50 9.69 -12.80 19.85
CA ILE A 50 8.30 -13.10 19.47
C ILE A 50 7.64 -14.05 20.49
N ALA A 51 8.38 -15.08 20.91
CA ALA A 51 7.84 -16.03 21.87
C ALA A 51 7.43 -15.40 23.19
N SER A 52 8.15 -14.34 23.59
CA SER A 52 7.87 -13.68 24.86
C SER A 52 6.49 -13.04 24.92
N TYR A 53 5.86 -12.82 23.76
CA TYR A 53 4.52 -12.24 23.76
C TYR A 53 3.46 -13.27 24.11
N GLY A 54 3.85 -14.54 24.14
CA GLY A 54 2.90 -15.56 24.49
C GLY A 54 1.70 -15.66 23.58
N SER A 55 0.54 -15.81 24.18
N SER A 55 0.52 -15.87 24.15
CA SER A 55 -0.74 -15.97 23.49
CA SER A 55 -0.68 -16.03 23.33
C SER A 55 -1.28 -14.71 22.83
C SER A 55 -1.18 -14.75 22.68
N ALA A 56 -0.58 -13.60 23.00
CA ALA A 56 -1.03 -12.35 22.39
C ALA A 56 -0.89 -12.47 20.87
N VAL A 57 0.01 -13.33 20.40
CA VAL A 57 0.18 -13.56 18.96
C VAL A 57 0.38 -15.06 18.73
N THR A 58 0.33 -15.48 17.47
CA THR A 58 0.61 -16.87 17.13
C THR A 58 1.91 -16.81 16.33
N HIS A 59 2.91 -17.53 16.79
CA HIS A 59 4.24 -17.54 16.17
C HIS A 59 4.41 -18.75 15.28
N ILE A 60 4.57 -18.55 13.97
CA ILE A 60 4.79 -19.66 13.07
C ILE A 60 6.16 -19.47 12.42
N ARG A 61 6.78 -20.58 12.03
CA ARG A 61 8.13 -20.52 11.48
C ARG A 61 8.27 -21.13 10.09
N GLN A 62 8.77 -20.34 9.15
CA GLN A 62 8.96 -20.84 7.77
C GLN A 62 9.91 -22.04 7.90
N PRO A 63 9.49 -23.18 7.38
CA PRO A 63 10.29 -24.41 7.51
C PRO A 63 11.54 -24.68 6.72
N ASP A 64 11.65 -24.10 5.55
CA ASP A 64 12.78 -24.39 4.68
C ASP A 64 13.80 -23.27 4.69
N LEU A 65 14.88 -23.46 5.45
CA LEU A 65 15.89 -22.42 5.57
C LEU A 65 17.06 -22.57 4.57
N SER A 66 16.87 -23.45 3.59
CA SER A 66 17.93 -23.71 2.61
C SER A 66 18.15 -22.58 1.61
N ASN A 67 19.33 -22.56 0.99
CA ASN A 67 19.62 -21.56 -0.02
C ASN A 67 18.88 -21.95 -1.28
N ILE A 68 18.48 -20.94 -2.05
CA ILE A 68 17.70 -21.13 -3.25
C ILE A 68 18.56 -20.96 -4.49
N ALA A 69 18.37 -21.84 -5.47
CA ALA A 69 19.11 -21.76 -6.73
C ALA A 69 18.52 -20.58 -7.48
N VAL A 70 19.37 -19.61 -7.80
CA VAL A 70 18.92 -18.41 -8.51
C VAL A 70 19.27 -18.49 -9.98
N GLN A 71 18.59 -17.69 -10.81
CA GLN A 71 18.89 -17.69 -12.24
C GLN A 71 20.18 -16.93 -12.51
N PRO A 72 20.75 -17.08 -13.72
CA PRO A 72 22.03 -16.42 -14.02
C PRO A 72 22.16 -14.93 -13.87
N ASP A 73 21.04 -14.22 -13.91
CA ASP A 73 21.08 -12.77 -13.79
C ASP A 73 20.92 -12.30 -12.35
N HIS A 74 20.83 -13.26 -11.42
CA HIS A 74 20.49 -12.90 -10.04
C HIS A 74 21.42 -13.32 -8.92
N ARG A 75 22.70 -13.51 -9.21
CA ARG A 75 23.63 -13.92 -8.15
C ARG A 75 23.59 -13.02 -6.90
N LYS A 76 23.40 -11.72 -7.12
CA LYS A 76 23.34 -10.73 -6.03
C LYS A 76 22.02 -10.66 -5.30
N PHE A 77 21.04 -11.45 -5.74
CA PHE A 77 19.71 -11.30 -5.17
C PHE A 77 19.08 -12.47 -4.40
N GLN A 78 19.91 -13.33 -3.80
CA GLN A 78 19.41 -14.47 -3.01
C GLN A 78 18.34 -14.02 -1.99
N GLY A 79 18.56 -12.89 -1.35
CA GLY A 79 17.62 -12.39 -0.35
C GLY A 79 16.22 -12.19 -0.90
N TYR A 80 16.12 -11.73 -2.15
CA TYR A 80 14.81 -11.51 -2.76
C TYR A 80 14.10 -12.82 -3.07
N TYR A 81 14.87 -13.86 -3.42
CA TYR A 81 14.29 -15.16 -3.62
C TYR A 81 13.75 -15.70 -2.27
N LYS A 82 14.51 -15.47 -1.20
CA LYS A 82 14.04 -15.95 0.10
C LYS A 82 12.78 -15.19 0.53
N ILE A 83 12.71 -13.89 0.29
CA ILE A 83 11.51 -13.15 0.67
C ILE A 83 10.30 -13.69 -0.08
N ALA A 84 10.45 -13.94 -1.38
CA ALA A 84 9.33 -14.43 -2.16
C ALA A 84 8.88 -15.80 -1.65
N ARG A 85 9.85 -16.66 -1.29
CA ARG A 85 9.47 -17.96 -0.74
C ARG A 85 8.74 -17.79 0.59
N HIS A 86 9.19 -16.85 1.40
CA HIS A 86 8.54 -16.64 2.70
C HIS A 86 7.10 -16.17 2.51
N TYR A 87 6.89 -15.19 1.64
CA TYR A 87 5.53 -14.71 1.42
C TYR A 87 4.63 -15.85 0.93
N ARG A 88 5.13 -16.67 0.01
CA ARG A 88 4.33 -17.76 -0.49
C ARG A 88 3.93 -18.72 0.63
N TRP A 89 4.90 -19.02 1.50
CA TRP A 89 4.60 -19.93 2.59
C TRP A 89 3.65 -19.33 3.62
N ALA A 90 3.92 -18.09 4.04
CA ALA A 90 3.09 -17.45 5.07
C ALA A 90 1.66 -17.20 4.59
N LEU A 91 1.48 -16.72 3.36
CA LEU A 91 0.13 -16.48 2.85
C LEU A 91 -0.58 -17.82 2.72
N GLY A 92 0.14 -18.87 2.33
CA GLY A 92 -0.52 -20.18 2.27
C GLY A 92 -0.97 -20.59 3.66
N GLN A 93 -0.17 -20.31 4.67
CA GLN A 93 -0.58 -20.65 6.05
C GLN A 93 -1.85 -19.91 6.47
N ILE A 94 -1.88 -18.61 6.19
N ILE A 94 -1.88 -18.60 6.21
CA ILE A 94 -3.03 -17.81 6.56
CA ILE A 94 -3.03 -17.80 6.63
C ILE A 94 -4.30 -18.27 5.89
C ILE A 94 -4.33 -18.15 5.87
N PHE A 95 -4.21 -18.55 4.61
CA PHE A 95 -5.40 -18.90 3.83
C PHE A 95 -5.77 -20.36 3.74
N HIS A 96 -4.78 -21.26 3.85
CA HIS A 96 -5.09 -22.69 3.79
C HIS A 96 -5.15 -23.31 5.17
N ASN A 97 -4.08 -23.17 5.94
N ASN A 97 -4.07 -23.18 5.93
CA ASN A 97 -4.03 -23.77 7.28
CA ASN A 97 -4.01 -23.74 7.28
C ASN A 97 -4.96 -23.10 8.28
C ASN A 97 -5.03 -23.09 8.20
N PHE A 98 -4.88 -21.78 8.41
CA PHE A 98 -5.77 -21.05 9.31
C PHE A 98 -7.16 -20.79 8.69
N ASN A 99 -7.24 -20.89 7.37
CA ASN A 99 -8.49 -20.70 6.64
C ASN A 99 -9.17 -19.35 6.85
N TYR A 100 -8.38 -18.28 6.97
CA TYR A 100 -8.99 -16.96 7.11
C TYR A 100 -9.48 -16.47 5.75
N PRO A 101 -10.49 -15.60 5.75
CA PRO A 101 -11.07 -15.07 4.51
C PRO A 101 -10.35 -13.89 3.85
N ALA A 102 -9.43 -13.30 4.61
CA ALA A 102 -8.67 -12.16 4.15
C ALA A 102 -7.56 -11.96 5.16
N ALA A 103 -6.63 -11.06 4.86
CA ALA A 103 -5.55 -10.79 5.79
C ALA A 103 -4.93 -9.44 5.46
N VAL A 104 -4.44 -8.77 6.51
CA VAL A 104 -3.65 -7.54 6.34
C VAL A 104 -2.20 -8.00 6.53
N VAL A 105 -1.39 -7.77 5.51
CA VAL A 105 0.03 -8.16 5.49
C VAL A 105 0.90 -6.98 5.87
N VAL A 106 1.73 -7.16 6.89
CA VAL A 106 2.64 -6.11 7.35
C VAL A 106 4.04 -6.65 7.58
N GLU A 107 5.03 -5.83 7.28
CA GLU A 107 6.39 -6.23 7.51
C GLU A 107 6.80 -5.74 8.91
N ASP A 108 7.81 -6.40 9.46
CA ASP A 108 8.31 -6.11 10.81
C ASP A 108 8.98 -4.76 11.05
N ASP A 109 9.13 -3.96 10.01
CA ASP A 109 9.70 -2.63 10.18
C ASP A 109 8.65 -1.54 10.01
N LEU A 110 7.37 -1.90 10.19
CA LEU A 110 6.29 -0.90 10.09
C LEU A 110 5.63 -0.58 11.44
N GLU A 111 5.34 0.69 11.67
CA GLU A 111 4.63 1.15 12.87
C GLU A 111 3.24 1.60 12.41
N VAL A 112 2.21 1.24 13.16
CA VAL A 112 0.86 1.59 12.75
C VAL A 112 0.30 2.85 13.38
N ALA A 113 -0.61 3.49 12.67
CA ALA A 113 -1.32 4.68 13.16
C ALA A 113 -2.44 4.24 14.11
N PRO A 114 -2.95 5.16 14.96
CA PRO A 114 -4.00 4.80 15.90
C PRO A 114 -5.26 4.25 15.26
N ASP A 115 -5.54 4.67 14.03
CA ASP A 115 -6.73 4.18 13.34
C ASP A 115 -6.47 3.13 12.26
N PHE A 116 -5.33 2.45 12.36
CA PHE A 116 -4.98 1.40 11.42
C PHE A 116 -6.06 0.29 11.36
N PHE A 117 -6.52 -0.18 12.52
CA PHE A 117 -7.52 -1.24 12.53
C PHE A 117 -8.88 -0.75 12.08
N GLU A 118 -9.27 0.44 12.54
CA GLU A 118 -10.53 1.05 12.15
C GLU A 118 -10.57 1.20 10.63
N TYR A 119 -9.44 1.63 10.03
CA TYR A 119 -9.35 1.79 8.59
C TYR A 119 -9.61 0.49 7.83
N PHE A 120 -8.95 -0.59 8.24
CA PHE A 120 -9.17 -1.86 7.55
C PHE A 120 -10.56 -2.45 7.81
N GLN A 121 -11.11 -2.23 9.00
CA GLN A 121 -12.45 -2.75 9.28
C GLN A 121 -13.44 -2.05 8.36
N ALA A 122 -13.27 -0.76 8.15
CA ALA A 122 -14.21 0.01 7.33
C ALA A 122 -14.09 -0.25 5.84
N THR A 123 -12.88 -0.53 5.37
CA THR A 123 -12.65 -0.73 3.95
C THR A 123 -12.78 -2.16 3.47
N TYR A 124 -12.73 -3.13 4.39
CA TYR A 124 -12.87 -4.54 4.00
C TYR A 124 -14.20 -4.77 3.23
N PRO A 125 -15.33 -4.19 3.68
CA PRO A 125 -16.56 -4.44 2.89
C PRO A 125 -16.49 -3.90 1.46
N LEU A 126 -15.75 -2.80 1.24
CA LEU A 126 -15.61 -2.25 -0.10
C LEU A 126 -14.82 -3.24 -0.95
N LEU A 127 -13.73 -3.77 -0.40
CA LEU A 127 -12.92 -4.74 -1.13
C LEU A 127 -13.75 -5.98 -1.48
N LYS A 128 -14.56 -6.44 -0.53
CA LYS A 128 -15.39 -7.61 -0.81
C LYS A 128 -16.42 -7.35 -1.89
N ALA A 129 -16.96 -6.14 -1.95
CA ALA A 129 -18.02 -5.84 -2.89
C ALA A 129 -17.63 -5.40 -4.28
N ASP A 130 -16.48 -4.74 -4.40
CA ASP A 130 -16.03 -4.19 -5.68
C ASP A 130 -14.93 -5.01 -6.35
N PRO A 131 -15.27 -5.79 -7.38
CA PRO A 131 -14.28 -6.62 -8.06
C PRO A 131 -13.18 -5.87 -8.81
N SER A 132 -13.38 -4.57 -8.96
CA SER A 132 -12.36 -3.73 -9.59
C SER A 132 -11.27 -3.34 -8.61
N LEU A 133 -11.47 -3.63 -7.32
CA LEU A 133 -10.43 -3.41 -6.30
C LEU A 133 -9.76 -4.76 -6.04
N TRP A 134 -8.45 -4.77 -5.81
CA TRP A 134 -7.81 -5.99 -5.39
C TRP A 134 -7.06 -5.83 -4.07
N CYS A 135 -7.03 -4.62 -3.51
CA CYS A 135 -6.41 -4.46 -2.19
C CYS A 135 -6.81 -3.15 -1.55
N VAL A 136 -6.52 -3.07 -0.26
CA VAL A 136 -6.62 -1.79 0.46
C VAL A 136 -5.22 -1.62 1.07
N SER A 137 -4.60 -0.46 0.88
CA SER A 137 -3.26 -0.24 1.44
C SER A 137 -3.29 0.93 2.41
N ALA A 138 -2.44 0.85 3.42
CA ALA A 138 -2.28 1.92 4.39
C ALA A 138 -1.33 3.01 3.89
N TRP A 139 -0.72 2.83 2.72
CA TRP A 139 0.36 3.72 2.28
C TRP A 139 0.06 4.74 1.20
N ASN A 140 0.47 5.99 1.43
CA ASN A 140 0.40 7.04 0.40
C ASN A 140 1.84 7.21 -0.08
N ASP A 141 2.13 6.80 -1.32
CA ASP A 141 3.49 6.91 -1.83
C ASP A 141 4.07 8.34 -1.83
N ASN A 142 3.21 9.36 -1.93
CA ASN A 142 3.68 10.74 -1.83
C ASN A 142 3.13 11.31 -0.52
N GLY A 143 3.34 10.58 0.56
CA GLY A 143 2.79 10.96 1.84
C GLY A 143 3.65 11.76 2.81
N LYS A 144 4.63 12.50 2.29
CA LYS A 144 5.42 13.31 3.22
C LYS A 144 4.53 14.43 3.78
N GLU A 145 4.88 14.94 4.95
CA GLU A 145 4.09 15.95 5.62
C GLU A 145 3.67 17.14 4.75
N GLN A 146 4.60 17.68 3.97
CA GLN A 146 4.26 18.85 3.17
C GLN A 146 3.41 18.54 1.97
N MET A 147 3.16 17.26 1.74
CA MET A 147 2.39 16.89 0.57
C MET A 147 1.03 16.32 0.87
N VAL A 148 0.63 16.35 2.12
CA VAL A 148 -0.69 15.85 2.51
C VAL A 148 -1.45 16.92 3.27
N ASP A 149 -2.78 16.86 3.18
CA ASP A 149 -3.64 17.82 3.87
C ASP A 149 -4.00 17.28 5.25
N SER A 150 -3.37 17.84 6.27
N SER A 150 -3.36 17.82 6.28
CA SER A 150 -3.61 17.41 7.65
CA SER A 150 -3.62 17.36 7.65
C SER A 150 -5.01 17.70 8.14
C SER A 150 -5.03 17.66 8.13
N SER A 151 -5.74 18.53 7.41
CA SER A 151 -7.11 18.83 7.78
C SER A 151 -8.08 17.79 7.20
N LYS A 152 -7.55 16.85 6.40
CA LYS A 152 -8.39 15.81 5.77
C LYS A 152 -7.85 14.40 6.05
N PRO A 153 -7.67 14.07 7.33
CA PRO A 153 -7.17 12.72 7.65
C PRO A 153 -8.11 11.61 7.22
N GLU A 154 -9.38 11.95 6.96
CA GLU A 154 -10.36 10.96 6.56
C GLU A 154 -10.40 10.68 5.05
N LEU A 155 -9.74 11.53 4.26
CA LEU A 155 -9.84 11.38 2.79
C LEU A 155 -9.12 10.16 2.22
N LEU A 156 -9.83 9.41 1.36
CA LEU A 156 -9.28 8.20 0.73
C LEU A 156 -9.37 8.35 -0.80
N TYR A 157 -8.61 7.50 -1.50
CA TYR A 157 -8.50 7.52 -2.96
C TYR A 157 -8.39 6.10 -3.50
N ARG A 158 -8.55 6.00 -4.81
CA ARG A 158 -8.24 4.78 -5.52
C ARG A 158 -6.87 5.03 -6.18
N THR A 159 -6.10 3.95 -6.30
CA THR A 159 -4.80 4.01 -6.98
C THR A 159 -4.56 2.74 -7.80
N ASP A 160 -3.96 2.90 -8.96
CA ASP A 160 -3.59 1.76 -9.80
C ASP A 160 -2.24 1.21 -9.39
N PHE A 161 -1.47 1.97 -8.59
CA PHE A 161 -0.14 1.55 -8.16
C PHE A 161 -0.26 0.79 -6.84
N PHE A 162 -0.01 -0.51 -6.86
CA PHE A 162 -0.09 -1.34 -5.67
C PHE A 162 1.01 -0.86 -4.73
N PRO A 163 0.64 -0.29 -3.56
CA PRO A 163 1.68 0.21 -2.67
C PRO A 163 2.33 -0.74 -1.69
N GLY A 164 1.67 -1.87 -1.41
CA GLY A 164 2.16 -2.76 -0.36
C GLY A 164 2.14 -1.94 0.94
N LEU A 165 3.15 -2.17 1.77
CA LEU A 165 3.39 -1.42 3.01
C LEU A 165 2.15 -1.33 3.92
N GLY A 166 1.60 -2.51 4.20
CA GLY A 166 0.42 -2.64 5.03
C GLY A 166 -0.76 -2.76 4.07
N TRP A 167 -1.11 -3.99 3.68
CA TRP A 167 -2.16 -4.14 2.69
C TRP A 167 -3.03 -5.35 2.96
N LEU A 168 -4.31 -5.15 2.67
CA LEU A 168 -5.37 -6.13 2.84
C LEU A 168 -5.67 -6.83 1.51
N LEU A 169 -5.73 -8.17 1.55
CA LEU A 169 -6.14 -8.92 0.34
C LEU A 169 -7.10 -10.00 0.78
N LEU A 170 -7.92 -10.43 -0.17
CA LEU A 170 -8.89 -11.50 0.04
C LEU A 170 -8.28 -12.87 -0.28
N ALA A 171 -8.82 -13.90 0.40
CA ALA A 171 -8.40 -15.27 0.13
C ALA A 171 -8.61 -15.58 -1.36
N GLU A 172 -9.65 -15.00 -1.96
CA GLU A 172 -9.91 -15.22 -3.37
C GLU A 172 -8.75 -14.74 -4.25
N LEU A 173 -8.09 -13.64 -3.84
CA LEU A 173 -6.96 -13.18 -4.65
C LEU A 173 -5.78 -14.11 -4.46
N TRP A 174 -5.58 -14.62 -3.24
CA TRP A 174 -4.47 -15.55 -3.08
C TRP A 174 -4.70 -16.79 -3.96
N ALA A 175 -5.96 -17.20 -4.13
CA ALA A 175 -6.23 -18.37 -4.97
C ALA A 175 -5.79 -18.14 -6.41
N GLU A 176 -5.86 -16.90 -6.86
CA GLU A 176 -5.46 -16.51 -8.21
C GLU A 176 -3.93 -16.34 -8.36
N LEU A 177 -3.29 -15.83 -7.32
CA LEU A 177 -1.85 -15.57 -7.38
C LEU A 177 -0.96 -16.75 -7.07
N GLU A 178 -1.37 -17.56 -6.10
CA GLU A 178 -0.57 -18.69 -5.65
C GLU A 178 -0.03 -19.62 -6.74
N PRO A 179 -0.87 -20.05 -7.71
CA PRO A 179 -0.39 -20.95 -8.79
C PRO A 179 0.74 -20.42 -9.67
N LYS A 180 0.92 -19.10 -9.70
CA LYS A 180 1.96 -18.51 -10.55
C LYS A 180 2.92 -17.63 -9.75
N TRP A 181 2.93 -17.79 -8.44
CA TRP A 181 3.80 -16.97 -7.59
C TRP A 181 5.23 -17.01 -8.13
N PRO A 182 5.88 -15.84 -8.21
CA PRO A 182 7.24 -15.75 -8.75
C PRO A 182 8.35 -16.19 -7.84
N LYS A 183 9.50 -16.43 -8.46
CA LYS A 183 10.69 -16.83 -7.75
C LYS A 183 11.29 -15.70 -6.94
N ALA A 184 11.09 -14.46 -7.41
CA ALA A 184 11.65 -13.29 -6.74
C ALA A 184 10.98 -12.00 -7.19
N PHE A 185 11.18 -10.93 -6.42
CA PHE A 185 10.65 -9.59 -6.71
C PHE A 185 9.13 -9.65 -6.82
N TRP A 186 8.50 -10.21 -5.79
CA TRP A 186 7.07 -10.41 -5.78
C TRP A 186 6.19 -9.17 -5.93
N ASP A 187 6.61 -8.07 -5.31
CA ASP A 187 5.79 -6.87 -5.38
C ASP A 187 5.81 -6.21 -6.74
N ASP A 188 6.97 -6.17 -7.39
CA ASP A 188 7.00 -5.62 -8.74
C ASP A 188 6.27 -6.58 -9.70
N TRP A 189 6.30 -7.89 -9.38
CA TRP A 189 5.56 -8.87 -10.19
C TRP A 189 4.04 -8.60 -10.06
N MET A 190 3.56 -8.26 -8.87
CA MET A 190 2.14 -7.97 -8.72
C MET A 190 1.77 -6.69 -9.50
N ARG A 191 2.75 -5.79 -9.66
CA ARG A 191 2.50 -4.55 -10.38
C ARG A 191 2.41 -4.69 -11.90
N ARG A 192 2.80 -5.85 -12.42
CA ARG A 192 2.72 -6.07 -13.86
C ARG A 192 1.25 -6.27 -14.25
N PRO A 193 0.88 -5.84 -15.45
CA PRO A 193 -0.52 -5.97 -15.89
C PRO A 193 -1.06 -7.39 -15.93
N GLU A 194 -0.20 -8.36 -16.22
N GLU A 194 -0.15 -8.34 -16.17
CA GLU A 194 -0.65 -9.74 -16.28
CA GLU A 194 -0.50 -9.77 -16.23
C GLU A 194 -1.17 -10.17 -14.90
C GLU A 194 -1.05 -10.24 -14.88
N GLN A 195 -0.68 -9.53 -13.82
CA GLN A 195 -1.17 -9.85 -12.48
C GLN A 195 -2.29 -8.88 -12.06
N ARG A 196 -2.06 -7.58 -12.20
CA ARG A 196 -3.03 -6.58 -11.74
C ARG A 196 -4.37 -6.60 -12.47
N LYS A 197 -4.32 -6.84 -13.78
N LYS A 197 -4.32 -6.85 -13.79
CA LYS A 197 -5.51 -6.90 -14.60
CA LYS A 197 -5.53 -6.90 -14.62
C LYS A 197 -6.41 -5.67 -14.39
C LYS A 197 -6.42 -5.67 -14.45
N GLY A 198 -5.78 -4.51 -14.36
CA GLY A 198 -6.51 -3.25 -14.26
C GLY A 198 -7.11 -2.95 -12.90
N ARG A 199 -6.85 -3.78 -11.90
CA ARG A 199 -7.48 -3.55 -10.60
C ARG A 199 -6.76 -2.49 -9.75
N ALA A 200 -7.53 -1.85 -8.89
CA ALA A 200 -6.99 -0.79 -8.04
C ALA A 200 -6.98 -1.14 -6.58
N CYS A 201 -6.33 -0.28 -5.82
CA CYS A 201 -6.32 -0.42 -4.38
C CYS A 201 -6.87 0.88 -3.80
N VAL A 202 -7.40 0.82 -2.59
CA VAL A 202 -7.77 2.03 -1.88
C VAL A 202 -6.49 2.50 -1.13
N ARG A 203 -6.24 3.80 -1.08
CA ARG A 203 -5.07 4.31 -0.34
C ARG A 203 -5.52 5.60 0.30
N PRO A 204 -4.87 6.00 1.40
CA PRO A 204 -5.27 7.23 2.10
C PRO A 204 -4.49 8.49 1.78
N GLU A 205 -5.10 9.62 2.10
CA GLU A 205 -4.41 10.90 2.02
C GLU A 205 -3.23 10.86 3.00
N ILE A 206 -3.43 10.35 4.22
CA ILE A 206 -2.37 10.29 5.22
C ILE A 206 -2.13 8.82 5.56
N SER A 207 -0.87 8.38 5.43
N SER A 207 -0.87 8.40 5.42
CA SER A 207 -0.56 6.99 5.65
CA SER A 207 -0.46 7.01 5.65
C SER A 207 -0.92 6.47 7.04
C SER A 207 -0.78 6.42 7.04
N ARG A 208 -1.29 5.19 7.06
CA ARG A 208 -1.63 4.51 8.31
C ARG A 208 -0.51 3.58 8.80
N THR A 209 0.61 3.58 8.08
CA THR A 209 1.81 2.86 8.47
C THR A 209 2.97 3.78 8.16
N MET A 210 4.10 3.51 8.82
CA MET A 210 5.32 4.27 8.58
C MET A 210 6.47 3.31 8.81
N THR A 211 7.55 3.46 8.07
CA THR A 211 8.69 2.57 8.26
C THR A 211 9.60 3.12 9.35
N PHE A 212 10.40 2.24 9.96
N PHE A 212 10.45 2.25 9.88
CA PHE A 212 11.36 2.67 10.99
CA PHE A 212 11.39 2.68 10.91
C PHE A 212 12.59 1.78 10.89
C PHE A 212 12.66 1.86 10.76
N GLY A 213 13.70 2.25 11.48
CA GLY A 213 14.95 1.51 11.43
C GLY A 213 15.70 1.65 10.11
N LEU A 227 11.31 6.32 1.81
CA LEU A 227 10.13 5.87 2.55
C LEU A 227 10.09 6.45 3.94
N LYS A 228 11.26 6.74 4.49
CA LYS A 228 11.37 7.28 5.84
C LYS A 228 10.65 8.61 6.05
N PHE A 229 10.41 9.36 4.97
CA PHE A 229 9.76 10.66 5.12
C PHE A 229 8.22 10.64 5.09
N ILE A 230 7.61 9.48 4.95
CA ILE A 230 6.14 9.42 4.94
C ILE A 230 5.63 9.72 6.35
N LYS A 231 4.63 10.61 6.43
CA LYS A 231 4.01 11.03 7.70
C LYS A 231 3.00 10.00 8.19
N LEU A 232 3.10 9.61 9.44
CA LEU A 232 2.14 8.66 10.00
C LEU A 232 0.95 9.46 10.55
N ASN A 233 -0.26 9.05 10.18
CA ASN A 233 -1.43 9.72 10.72
C ASN A 233 -1.49 9.57 12.24
N GLN A 234 -1.83 10.67 12.93
CA GLN A 234 -1.97 10.54 14.38
C GLN A 234 -3.35 10.98 14.90
N GLN A 235 -4.22 11.44 13.99
CA GLN A 235 -5.58 11.83 14.38
C GLN A 235 -6.54 10.70 14.05
N PHE A 236 -7.07 10.05 15.08
CA PHE A 236 -7.96 8.92 14.86
C PHE A 236 -9.20 9.32 14.08
N VAL A 237 -9.46 8.60 12.99
CA VAL A 237 -10.63 8.82 12.14
C VAL A 237 -11.57 7.60 12.28
N PRO A 238 -12.85 7.84 12.63
CA PRO A 238 -13.82 6.74 12.78
C PRO A 238 -14.36 6.30 11.42
N PHE A 239 -13.49 5.70 10.62
CA PHE A 239 -13.90 5.28 9.28
C PHE A 239 -15.15 4.42 9.21
N THR A 240 -15.40 3.61 10.24
CA THR A 240 -16.59 2.74 10.21
C THR A 240 -17.89 3.52 10.39
N GLN A 241 -17.79 4.80 10.74
CA GLN A 241 -18.96 5.67 10.89
C GLN A 241 -19.15 6.59 9.67
N LEU A 242 -18.24 6.51 8.71
CA LEU A 242 -18.32 7.36 7.53
C LEU A 242 -18.93 6.66 6.34
N ASP A 243 -19.43 7.45 5.38
CA ASP A 243 -20.00 6.91 4.18
C ASP A 243 -18.87 6.83 3.14
N LEU A 244 -18.38 5.63 2.88
CA LEU A 244 -17.29 5.42 1.94
C LEU A 244 -17.76 5.01 0.54
N SER A 245 -19.05 5.21 0.24
CA SER A 245 -19.59 4.83 -1.06
C SER A 245 -18.90 5.56 -2.21
N TYR A 246 -18.29 6.71 -1.91
CA TYR A 246 -17.64 7.48 -2.97
C TYR A 246 -16.47 6.70 -3.61
N LEU A 247 -15.98 5.66 -2.93
CA LEU A 247 -14.88 4.88 -3.46
C LEU A 247 -15.30 3.79 -4.46
N GLN A 248 -16.61 3.55 -4.56
CA GLN A 248 -17.10 2.55 -5.53
C GLN A 248 -16.65 3.02 -6.91
N GLN A 249 -16.21 2.10 -7.76
CA GLN A 249 -15.69 2.48 -9.08
C GLN A 249 -16.59 3.40 -9.90
N GLU A 250 -17.86 3.07 -10.01
CA GLU A 250 -18.73 3.90 -10.82
C GLU A 250 -18.80 5.35 -10.32
N ALA A 251 -18.95 5.56 -9.01
CA ALA A 251 -19.01 6.92 -8.48
C ALA A 251 -17.64 7.62 -8.58
N TYR A 252 -16.59 6.90 -8.23
CA TYR A 252 -15.27 7.50 -8.26
C TYR A 252 -14.83 7.95 -9.65
N ASP A 253 -14.99 7.05 -10.62
CA ASP A 253 -14.56 7.36 -11.99
C ASP A 253 -15.37 8.45 -12.66
N ARG A 254 -16.53 8.76 -12.10
CA ARG A 254 -17.31 9.86 -12.63
C ARG A 254 -16.92 11.15 -11.88
N ASP A 255 -17.07 11.12 -10.56
CA ASP A 255 -16.83 12.31 -9.75
C ASP A 255 -15.39 12.73 -9.57
N PHE A 256 -14.49 11.81 -9.27
CA PHE A 256 -13.13 12.24 -9.09
C PHE A 256 -12.56 12.72 -10.42
N LEU A 257 -12.86 12.04 -11.52
CA LEU A 257 -12.37 12.46 -12.82
C LEU A 257 -12.93 13.82 -13.27
N ALA A 258 -14.23 14.04 -13.02
CA ALA A 258 -14.83 15.33 -13.36
C ALA A 258 -14.14 16.42 -12.55
N ARG A 259 -13.80 16.11 -11.31
CA ARG A 259 -13.11 17.06 -10.45
C ARG A 259 -11.73 17.39 -11.03
N VAL A 260 -10.98 16.37 -11.40
CA VAL A 260 -9.65 16.59 -11.93
C VAL A 260 -9.66 17.39 -13.24
N TYR A 261 -10.53 17.00 -14.18
CA TYR A 261 -10.54 17.67 -15.45
C TYR A 261 -11.35 18.96 -15.47
N GLY A 262 -12.12 19.17 -14.41
CA GLY A 262 -12.88 20.41 -14.28
C GLY A 262 -12.00 21.46 -13.63
N ALA A 263 -10.90 21.05 -13.01
CA ALA A 263 -10.01 22.01 -12.37
C ALA A 263 -9.20 22.81 -13.39
N PRO A 264 -8.87 24.07 -13.06
CA PRO A 264 -8.09 24.88 -14.00
C PRO A 264 -6.68 24.32 -14.19
N GLN A 265 -6.19 24.43 -15.42
CA GLN A 265 -4.87 23.97 -15.77
C GLN A 265 -3.85 25.07 -15.53
N LEU A 266 -2.71 24.72 -14.95
CA LEU A 266 -1.62 25.67 -14.74
C LEU A 266 -0.30 25.07 -15.22
N GLN A 267 0.57 25.89 -15.79
CA GLN A 267 1.87 25.42 -16.23
C GLN A 267 2.64 25.02 -14.96
N VAL A 268 3.43 23.96 -15.06
CA VAL A 268 4.17 23.49 -13.90
C VAL A 268 5.01 24.57 -13.18
N GLU A 269 5.63 25.49 -13.92
CA GLU A 269 6.46 26.52 -13.25
C GLU A 269 5.59 27.48 -12.43
N LYS A 270 4.36 27.70 -12.86
CA LYS A 270 3.47 28.58 -12.11
C LYS A 270 3.08 27.89 -10.81
N VAL A 271 2.91 26.56 -10.84
CA VAL A 271 2.59 25.86 -9.61
C VAL A 271 3.83 25.85 -8.72
N ARG A 272 4.99 25.59 -9.31
CA ARG A 272 6.21 25.53 -8.52
C ARG A 272 6.49 26.84 -7.79
N THR A 273 6.26 27.97 -8.46
CA THR A 273 6.52 29.27 -7.85
C THR A 273 5.36 29.85 -7.03
N ASN A 274 4.27 29.10 -6.92
CA ASN A 274 3.11 29.49 -6.15
C ASN A 274 2.36 30.70 -6.70
N ASP A 275 2.13 30.67 -8.00
CA ASP A 275 1.43 31.72 -8.73
C ASP A 275 -0.09 31.42 -8.68
N ARG A 276 -0.91 32.45 -8.86
CA ARG A 276 -2.36 32.28 -8.87
C ARG A 276 -2.83 31.50 -7.64
N LYS A 277 -2.46 31.95 -6.43
CA LYS A 277 -2.84 31.25 -5.20
C LYS A 277 -4.33 31.15 -4.91
N GLU A 278 -5.15 31.95 -5.60
CA GLU A 278 -6.59 31.90 -5.40
C GLU A 278 -7.14 30.55 -5.90
N LEU A 279 -6.38 29.86 -6.76
CA LEU A 279 -6.81 28.56 -7.29
C LEU A 279 -6.32 27.47 -6.33
N GLY A 280 -7.20 27.03 -5.46
CA GLY A 280 -6.83 26.03 -4.47
C GLY A 280 -6.71 24.60 -4.97
N GLU A 281 -7.12 24.35 -6.21
CA GLU A 281 -7.03 23.01 -6.77
C GLU A 281 -6.78 23.20 -8.25
N VAL A 282 -5.69 22.63 -8.74
CA VAL A 282 -5.31 22.80 -10.12
C VAL A 282 -4.82 21.53 -10.73
N ARG A 283 -4.75 21.54 -12.06
CA ARG A 283 -4.26 20.42 -12.82
C ARG A 283 -3.01 20.82 -13.58
N VAL A 284 -1.98 19.98 -13.51
CA VAL A 284 -0.76 20.20 -14.29
C VAL A 284 -0.81 19.05 -15.29
N GLN A 285 -0.90 19.37 -16.57
CA GLN A 285 -0.99 18.32 -17.58
C GLN A 285 0.36 17.89 -18.16
N TYR A 286 0.56 16.58 -18.26
CA TYR A 286 1.78 16.07 -18.89
C TYR A 286 1.32 15.37 -20.17
N THR A 287 2.22 15.25 -21.14
CA THR A 287 1.89 14.68 -22.46
C THR A 287 2.69 13.49 -22.93
N GLY A 288 3.79 13.21 -22.26
CA GLY A 288 4.61 12.09 -22.65
C GLY A 288 5.42 11.69 -21.44
N ARG A 289 6.16 10.61 -21.58
CA ARG A 289 6.98 10.11 -20.49
C ARG A 289 8.01 11.15 -20.01
N ASP A 290 8.62 11.89 -20.92
CA ASP A 290 9.62 12.87 -20.49
C ASP A 290 9.01 14.02 -19.69
N SER A 291 7.84 14.50 -20.13
CA SER A 291 7.18 15.57 -19.41
C SER A 291 6.66 15.08 -18.05
N PHE A 292 6.20 13.83 -17.99
CA PHE A 292 5.76 13.31 -16.70
C PHE A 292 6.92 13.33 -15.71
N LYS A 293 8.05 12.78 -16.13
CA LYS A 293 9.19 12.73 -15.23
C LYS A 293 9.67 14.11 -14.84
N ALA A 294 9.72 15.02 -15.80
CA ALA A 294 10.19 16.36 -15.51
C ALA A 294 9.25 17.12 -14.55
N PHE A 295 7.95 17.01 -14.79
CA PHE A 295 7.00 17.73 -13.96
C PHE A 295 6.94 17.15 -12.56
N ALA A 296 6.96 15.83 -12.45
CA ALA A 296 6.97 15.19 -11.14
C ALA A 296 8.20 15.63 -10.35
N LYS A 297 9.37 15.63 -10.99
CA LYS A 297 10.59 16.03 -10.30
C LYS A 297 10.49 17.51 -9.87
N ALA A 298 9.97 18.37 -10.74
CA ALA A 298 9.84 19.78 -10.41
C ALA A 298 8.96 20.04 -9.20
N LEU A 299 7.95 19.19 -9.00
CA LEU A 299 7.03 19.38 -7.88
C LEU A 299 7.31 18.46 -6.70
N GLY A 300 8.44 17.76 -6.75
CA GLY A 300 8.83 16.89 -5.64
C GLY A 300 8.02 15.62 -5.42
N VAL A 301 7.40 15.11 -6.48
CA VAL A 301 6.57 13.90 -6.49
C VAL A 301 7.44 12.72 -6.97
N MET A 302 7.16 11.51 -6.47
N MET A 302 7.15 11.51 -6.48
CA MET A 302 7.93 10.35 -6.92
CA MET A 302 7.90 10.33 -6.91
C MET A 302 7.77 10.22 -8.41
C MET A 302 7.77 10.23 -8.42
N ASP A 303 8.90 10.05 -9.11
CA ASP A 303 8.88 9.99 -10.56
C ASP A 303 9.12 8.63 -11.19
N ASP A 304 9.28 7.61 -10.39
CA ASP A 304 9.54 6.31 -11.00
C ASP A 304 8.25 5.61 -11.37
N LEU A 305 8.33 4.73 -12.34
CA LEU A 305 7.16 4.01 -12.81
C LEU A 305 7.36 2.52 -12.82
N LYS A 306 6.32 1.78 -12.46
CA LYS A 306 6.38 0.32 -12.47
C LYS A 306 5.34 -0.11 -13.48
N SER A 307 5.80 -0.80 -14.52
CA SER A 307 4.93 -1.22 -15.61
C SER A 307 4.12 -0.05 -16.16
N GLY A 308 4.79 1.10 -16.19
CA GLY A 308 4.20 2.32 -16.73
C GLY A 308 3.25 3.08 -15.82
N VAL A 309 3.08 2.58 -14.60
CA VAL A 309 2.16 3.22 -13.65
C VAL A 309 2.93 4.10 -12.65
N PRO A 310 2.52 5.37 -12.51
CA PRO A 310 3.23 6.25 -11.55
C PRO A 310 2.79 5.94 -10.13
N ARG A 311 3.66 6.25 -9.19
CA ARG A 311 3.33 6.03 -7.77
C ARG A 311 2.06 6.81 -7.43
N ALA A 312 1.15 6.14 -6.73
CA ALA A 312 -0.15 6.72 -6.35
C ALA A 312 -1.00 7.13 -7.55
N GLY A 313 -0.62 6.72 -8.75
CA GLY A 313 -1.38 7.13 -9.91
C GLY A 313 -2.71 6.43 -10.05
N TYR A 314 -3.69 7.13 -10.63
CA TYR A 314 -4.99 6.54 -10.91
C TYR A 314 -5.41 7.12 -12.27
N ARG A 315 -5.59 6.25 -13.27
CA ARG A 315 -5.84 6.68 -14.65
C ARG A 315 -4.77 7.71 -15.04
N GLY A 316 -3.52 7.43 -14.60
CA GLY A 316 -2.38 8.29 -14.86
C GLY A 316 -2.28 9.55 -14.02
N ILE A 317 -3.25 9.80 -13.14
CA ILE A 317 -3.27 11.02 -12.35
C ILE A 317 -2.65 10.86 -10.97
N VAL A 318 -1.66 11.69 -10.65
CA VAL A 318 -1.02 11.69 -9.32
C VAL A 318 -1.56 12.92 -8.58
N THR A 319 -2.16 12.70 -7.43
CA THR A 319 -2.79 13.78 -6.65
C THR A 319 -2.02 13.99 -5.35
N PHE A 320 -1.75 15.25 -5.03
CA PHE A 320 -0.96 15.56 -3.84
C PHE A 320 -1.16 17.02 -3.47
N LEU A 321 -0.57 17.44 -2.36
CA LEU A 321 -0.64 18.83 -1.96
C LEU A 321 0.73 19.43 -2.25
N PHE A 322 0.73 20.67 -2.68
CA PHE A 322 1.99 21.37 -2.98
C PHE A 322 1.82 22.80 -2.47
N ARG A 323 2.61 23.17 -1.47
CA ARG A 323 2.52 24.51 -0.88
C ARG A 323 1.06 24.82 -0.50
N GLY A 324 0.38 23.82 0.05
CA GLY A 324 -0.99 24.00 0.49
C GLY A 324 -2.10 23.89 -0.54
N ARG A 325 -1.71 23.79 -1.80
CA ARG A 325 -2.63 23.68 -2.92
C ARG A 325 -2.81 22.25 -3.38
N ARG A 326 -4.03 21.88 -3.76
CA ARG A 326 -4.29 20.54 -4.26
C ARG A 326 -3.86 20.53 -5.73
N VAL A 327 -3.01 19.57 -6.10
CA VAL A 327 -2.52 19.45 -7.47
C VAL A 327 -2.77 18.05 -8.03
N HIS A 328 -3.25 18.00 -9.27
CA HIS A 328 -3.45 16.74 -9.97
C HIS A 328 -2.49 16.77 -11.18
N LEU A 329 -1.45 15.94 -11.15
CA LEU A 329 -0.49 15.81 -12.26
C LEU A 329 -1.18 14.76 -13.14
N ALA A 330 -1.71 15.22 -14.28
CA ALA A 330 -2.58 14.41 -15.09
C ALA A 330 -2.29 14.34 -16.57
N PRO A 331 -2.68 13.22 -17.22
CA PRO A 331 -2.47 13.10 -18.66
C PRO A 331 -3.70 13.76 -19.26
N PRO A 332 -3.77 13.82 -20.59
CA PRO A 332 -4.95 14.42 -21.23
C PRO A 332 -6.08 13.43 -20.90
N GLN A 333 -7.34 13.90 -20.87
CA GLN A 333 -8.45 13.02 -20.51
C GLN A 333 -8.72 11.91 -21.52
N THR A 334 -8.01 11.92 -22.65
CA THR A 334 -8.15 10.86 -23.64
C THR A 334 -7.38 9.60 -23.18
N TRP A 335 -6.73 9.71 -22.03
CA TRP A 335 -5.96 8.59 -21.48
C TRP A 335 -6.77 7.30 -21.57
N ASP A 336 -6.10 6.22 -21.98
CA ASP A 336 -6.79 4.94 -22.11
C ASP A 336 -5.84 3.77 -21.89
N GLY A 337 -5.31 3.68 -20.69
CA GLY A 337 -4.43 2.58 -20.34
C GLY A 337 -2.98 2.97 -20.20
N TYR A 338 -2.26 2.15 -19.43
CA TYR A 338 -0.84 2.37 -19.20
C TYR A 338 0.05 1.66 -20.24
N ASP A 339 1.16 2.32 -20.56
CA ASP A 339 2.15 1.79 -21.50
C ASP A 339 3.34 1.35 -20.62
N PRO A 340 3.64 0.04 -20.57
CA PRO A 340 4.76 -0.42 -19.73
C PRO A 340 6.12 0.08 -20.18
N SER A 341 6.18 0.62 -21.40
CA SER A 341 7.44 1.14 -21.87
C SER A 341 7.84 2.47 -21.25
N TRP A 342 6.94 3.06 -20.46
CA TRP A 342 7.28 4.30 -19.77
C TRP A 342 8.09 3.82 -18.57
N THR A 343 9.41 3.81 -18.72
CA THR A 343 10.31 3.33 -17.69
C THR A 343 11.14 4.43 -17.06
HG MMC B . 3.93 -4.02 12.14
HG MMC B . 8.23 -2.05 13.23
C MMC B . 2.46 -3.05 11.14
C MMC B . 8.49 -0.06 13.37
#